data_3SW2
#
_entry.id   3SW2
#
_cell.length_a   57.018
_cell.length_b   72.515
_cell.length_c   77.956
_cell.angle_alpha   90.00
_cell.angle_beta   90.00
_cell.angle_gamma   90.00
#
_symmetry.space_group_name_H-M   'P 21 21 21'
#
loop_
_entity.id
_entity.type
_entity.pdbx_description
1 polymer 'Coagulation factor X'
2 polymer 'Coagulation factor X'
3 non-polymer 6-chloro-N-((3S)-2-oxo-1-(2-oxo-2-((5S)-8-oxo-5,6-dihydro-1H-1,5-methanopyrido[1,2-a][1,5]diazocin-3(2H,4H,8H)-yl)ethyl)piperidin-3-yl)naphthalene-2-sulfonamide
4 non-polymer 'SODIUM ION'
5 non-polymer 'CALCIUM ION'
6 non-polymer GLYCEROL
7 water water
#
loop_
_entity_poly.entity_id
_entity_poly.type
_entity_poly.pdbx_seq_one_letter_code
_entity_poly.pdbx_strand_id
1 'polypeptide(L)'
;KDGDQCETSPCQNQGKCKDGLGEYTCTCLEGFEGKNCELFTRKLCSLDNGDCDQFCHEEQNSVVCSCARGYTLADNGKAC
IPTGPYPCGKQTLE
;
A
2 'polypeptide(L)'
;IVGGQECKDGECPWQALLINEENEGFCGGTILSEFYILTAAHCLYQAKRFKVRVGDRNTEQEEGGEAVHEVEVVIKHNRF
TKETYDFDIAVLRLKTPITFRMNVAPACLPERDWAESTLMTQKTGIVSGFGRTHEKGRQSTRLKMLEVPYVDRNSCKLSS
SFIITQNMFCAGYDTKQEDACQGDSGGPHVTRFKDTYFVTGIVSWGEGCARKGKYGIYTKVTAFLKWIDRSMKTRGLP
;
B
#
loop_
_chem_comp.id
_chem_comp.type
_chem_comp.name
_chem_comp.formula
CA non-polymer 'CALCIUM ION' 'Ca 2'
FI1 non-polymer 6-chloro-N-((3S)-2-oxo-1-(2-oxo-2-((5S)-8-oxo-5,6-dihydro-1H-1,5-methanopyrido[1,2-a][1,5]diazocin-3(2H,4H,8H)-yl)ethyl)piperidin-3-yl)naphthalene-2-sulfonamide 'C28 H29 Cl N4 O5 S'
GOL non-polymer GLYCEROL 'C3 H8 O3'
NA non-polymer 'SODIUM ION' 'Na 1'
#
# COMPACT_ATOMS: atom_id res chain seq x y z
N GLU A 38 14.52 31.82 -1.99
CA GLU A 38 13.98 32.21 -0.70
C GLU A 38 13.00 31.14 -0.20
N LEU A 39 13.37 30.47 0.88
CA LEU A 39 12.58 29.37 1.43
C LEU A 39 11.88 29.78 2.74
N PHE A 40 10.56 29.58 2.79
CA PHE A 40 9.75 29.92 3.96
C PHE A 40 10.29 29.32 5.27
N THR A 41 10.15 30.05 6.37
CA THR A 41 10.45 29.51 7.69
C THR A 41 9.35 28.51 8.03
N ARG A 42 9.76 27.32 8.50
CA ARG A 42 8.80 26.25 8.81
C ARG A 42 8.00 26.55 10.07
N LYS A 43 6.69 26.73 9.92
CA LYS A 43 5.80 26.95 11.07
C LYS A 43 4.48 26.19 10.91
N LEU A 44 3.64 26.25 11.94
CA LEU A 44 2.37 25.55 11.97
C LEU A 44 2.53 24.09 11.62
N CYS A 45 1.64 23.57 10.77
CA CYS A 45 1.73 22.17 10.35
C CYS A 45 3.05 21.83 9.67
N SER A 46 3.82 22.84 9.29
CA SER A 46 5.05 22.57 8.55
C SER A 46 6.18 22.34 9.54
N LEU A 47 5.90 22.65 10.80
CA LEU A 47 6.85 22.43 11.88
C LEU A 47 6.46 21.15 12.63
N ASP A 48 7.31 20.13 12.52
CA ASP A 48 7.06 18.80 13.08
C ASP A 48 5.57 18.45 13.08
N ASN A 49 4.97 18.39 11.90
CA ASN A 49 3.58 17.99 11.75
C ASN A 49 2.63 18.65 12.76
N GLY A 50 3.02 19.85 13.24
CA GLY A 50 2.22 20.63 14.17
C GLY A 50 2.02 19.89 15.49
N ASP A 51 2.94 18.99 15.78
CA ASP A 51 2.88 18.18 17.00
C ASP A 51 1.74 17.15 17.02
N CYS A 52 1.09 16.94 15.87
CA CYS A 52 0.05 15.92 15.76
C CYS A 52 0.63 14.52 15.55
N ASP A 53 -0.09 13.50 16.03
CA ASP A 53 0.25 12.12 15.79
C ASP A 53 -0.01 11.73 14.34
N GLN A 54 -1.13 12.18 13.80
CA GLN A 54 -1.52 11.82 12.45
C GLN A 54 -1.84 13.06 11.59
N PHE A 55 -3.11 13.27 11.28
CA PHE A 55 -3.44 14.34 10.33
C PHE A 55 -3.32 15.74 10.93
N CYS A 56 -2.65 16.62 10.21
CA CYS A 56 -2.49 18.01 10.61
C CYS A 56 -3.02 18.95 9.55
N HIS A 57 -3.99 19.79 9.92
CA HIS A 57 -4.35 20.90 9.06
C HIS A 57 -4.40 22.25 9.79
N GLU A 58 -4.14 23.32 9.04
CA GLU A 58 -4.19 24.66 9.58
C GLU A 58 -5.59 25.23 9.31
N GLU A 59 -6.26 25.68 10.37
CA GLU A 59 -7.59 26.29 10.25
C GLU A 59 -7.74 27.51 11.14
N GLN A 60 -8.26 28.60 10.57
CA GLN A 60 -8.40 29.87 11.29
C GLN A 60 -7.02 30.34 11.77
N ASN A 61 -5.99 29.90 11.06
CA ASN A 61 -4.60 30.29 11.33
C ASN A 61 -3.96 29.56 12.51
N SER A 62 -4.45 28.35 12.79
CA SER A 62 -3.87 27.51 13.85
C SER A 62 -3.87 26.02 13.50
N VAL A 63 -3.00 25.26 14.16
CA VAL A 63 -2.89 23.84 13.93
C VAL A 63 -4.11 23.11 14.43
N VAL A 64 -4.66 22.24 13.58
CA VAL A 64 -5.72 21.32 14.00
C VAL A 64 -5.36 19.87 13.63
N CYS A 65 -5.49 18.98 14.61
CA CYS A 65 -5.11 17.57 14.46
C CYS A 65 -6.33 16.67 14.32
N SER A 66 -6.22 15.68 13.44
CA SER A 66 -7.26 14.65 13.35
C SER A 66 -6.65 13.25 13.22
N CYS A 67 -7.50 12.24 13.32
CA CYS A 67 -7.04 10.85 13.36
C CYS A 67 -7.72 9.99 12.29
N ALA A 68 -7.00 8.98 11.80
CA ALA A 68 -7.58 7.99 10.90
C ALA A 68 -8.81 7.35 11.55
N ARG A 69 -9.63 6.66 10.77
CA ARG A 69 -10.76 5.93 11.35
C ARG A 69 -10.23 4.85 12.29
N GLY A 70 -10.88 4.69 13.43
CA GLY A 70 -10.45 3.71 14.39
C GLY A 70 -9.65 4.33 15.53
N TYR A 71 -9.33 5.61 15.39
CA TYR A 71 -8.63 6.33 16.43
C TYR A 71 -9.53 7.43 16.89
N THR A 72 -9.32 7.89 18.12
CA THR A 72 -9.97 9.11 18.58
C THR A 72 -8.91 10.07 19.09
N LEU A 73 -9.10 11.35 18.80
CA LEU A 73 -8.17 12.37 19.28
C LEU A 73 -8.13 12.41 20.82
N ALA A 74 -6.92 12.43 21.38
CA ALA A 74 -6.80 12.50 22.84
C ALA A 74 -7.23 13.85 23.39
N ASP A 75 -7.28 13.96 24.72
CA ASP A 75 -7.70 15.19 25.37
C ASP A 75 -6.77 16.35 25.02
N ASN A 76 -5.48 16.06 24.83
CA ASN A 76 -4.53 17.09 24.41
C ASN A 76 -4.75 17.53 22.95
N GLY A 77 -5.76 16.95 22.30
CA GLY A 77 -6.03 17.24 20.90
C GLY A 77 -4.87 17.01 19.92
N LYS A 78 -3.89 16.21 20.32
CA LYS A 78 -2.74 15.94 19.45
C LYS A 78 -2.55 14.44 19.21
N ALA A 79 -2.44 13.68 20.29
CA ALA A 79 -2.30 12.23 20.20
C ALA A 79 -3.58 11.55 19.67
N CYS A 80 -3.41 10.39 19.04
CA CYS A 80 -4.55 9.60 18.57
C CYS A 80 -4.55 8.30 19.34
N ILE A 81 -5.68 7.96 19.96
CA ILE A 81 -5.76 6.72 20.72
C ILE A 81 -6.58 5.73 19.94
N PRO A 82 -6.07 4.51 19.82
CA PRO A 82 -6.81 3.43 19.17
C PRO A 82 -8.01 3.07 20.02
N THR A 83 -9.17 2.92 19.40
CA THR A 83 -10.41 2.65 20.12
C THR A 83 -10.75 1.17 20.20
N GLY A 84 -9.93 0.34 19.55
CA GLY A 84 -10.19 -1.09 19.56
C GLY A 84 -8.92 -1.88 19.38
N PRO A 85 -9.02 -3.22 19.41
N PRO A 85 -9.04 -3.21 19.39
CA PRO A 85 -7.91 -4.19 19.53
CA PRO A 85 -7.89 -4.04 19.00
C PRO A 85 -6.90 -4.22 18.37
C PRO A 85 -7.70 -3.93 17.49
N TYR A 86 -7.37 -4.03 17.14
N TYR A 86 -6.49 -4.23 17.04
CA TYR A 86 -6.46 -4.07 15.99
CA TYR A 86 -6.14 -4.15 15.62
C TYR A 86 -6.64 -2.85 15.09
C TYR A 86 -6.55 -2.84 14.95
N PRO A 87 -6.08 -1.71 15.51
CA PRO A 87 -6.28 -0.44 14.81
C PRO A 87 -5.38 -0.39 13.56
N CYS A 88 -5.79 0.41 12.57
CA CYS A 88 -5.17 0.32 11.27
C CYS A 88 -3.75 0.87 11.28
N GLY A 89 -2.91 0.27 10.44
CA GLY A 89 -1.55 0.74 10.29
C GLY A 89 -0.59 0.46 11.43
N LYS A 90 -0.98 -0.41 12.38
CA LYS A 90 -0.08 -0.88 13.43
C LYS A 90 0.36 -2.31 13.16
N GLN A 91 1.66 -2.57 13.31
CA GLN A 91 2.15 -3.94 13.21
C GLN A 91 1.69 -4.74 14.42
N THR A 92 1.31 -5.98 14.18
CA THR A 92 0.78 -6.83 15.24
C THR A 92 1.91 -7.57 15.95
N LEU A 93 2.71 -6.83 16.70
CA LEU A 93 3.80 -7.42 17.45
C LEU A 93 3.36 -7.73 18.88
N ILE B 1 9.51 -9.80 -4.79
CA ILE B 1 10.46 -8.77 -4.38
C ILE B 1 11.88 -9.26 -4.70
N VAL B 2 12.69 -8.38 -5.27
CA VAL B 2 14.09 -8.68 -5.51
C VAL B 2 14.87 -7.93 -4.45
N GLY B 3 15.65 -8.65 -3.65
CA GLY B 3 16.34 -8.06 -2.52
C GLY B 3 15.43 -7.95 -1.30
N GLY B 4 15.66 -6.92 -0.50
CA GLY B 4 14.86 -6.71 0.70
C GLY B 4 14.91 -7.87 1.68
N GLN B 5 14.07 -7.81 2.71
CA GLN B 5 14.08 -8.79 3.79
C GLN B 5 12.77 -9.58 3.84
N GLU B 6 12.83 -10.77 4.43
CA GLU B 6 11.64 -11.58 4.63
C GLU B 6 10.74 -10.84 5.63
N CYS B 7 9.42 -10.92 5.44
CA CYS B 7 8.49 -10.30 6.39
C CYS B 7 8.44 -11.14 7.66
N LYS B 8 8.83 -10.54 8.78
CA LYS B 8 8.79 -11.24 10.06
C LYS B 8 7.38 -11.21 10.66
N ASP B 9 7.16 -12.07 11.63
CA ASP B 9 5.88 -12.22 12.28
C ASP B 9 5.25 -10.89 12.68
N GLY B 10 4.17 -10.52 12.00
CA GLY B 10 3.39 -9.35 12.38
C GLY B 10 3.87 -8.05 11.80
N GLU B 11 4.81 -8.13 10.85
CA GLU B 11 5.44 -6.93 10.30
C GLU B 11 4.70 -6.34 9.10
N CYS B 12 3.97 -7.17 8.37
CA CYS B 12 3.20 -6.73 7.21
C CYS B 12 1.78 -7.30 7.30
N PRO B 13 1.05 -6.91 8.36
CA PRO B 13 -0.24 -7.59 8.60
C PRO B 13 -1.30 -7.28 7.55
N TRP B 14 -1.09 -6.21 6.77
CA TRP B 14 -2.08 -5.75 5.80
C TRP B 14 -1.91 -6.38 4.42
N GLN B 15 -0.94 -7.28 4.29
CA GLN B 15 -0.74 -7.96 3.01
C GLN B 15 -1.86 -8.95 2.73
N ALA B 16 -2.35 -8.92 1.50
CA ALA B 16 -3.30 -9.91 1.00
C ALA B 16 -2.66 -10.54 -0.22
N LEU B 17 -3.10 -11.75 -0.56
CA LEU B 17 -2.60 -12.48 -1.74
C LEU B 17 -3.75 -13.03 -2.57
N LEU B 18 -3.79 -12.68 -3.85
CA LEU B 18 -4.83 -13.17 -4.76
C LEU B 18 -4.42 -14.55 -5.29
N ILE B 19 -5.32 -15.52 -5.18
CA ILE B 19 -5.00 -16.90 -5.56
C ILE B 19 -5.97 -17.39 -6.65
N ASN B 20 -5.44 -18.08 -7.66
CA ASN B 20 -6.27 -18.56 -8.77
C ASN B 20 -7.08 -19.82 -8.47
N GLU B 21 -7.67 -20.39 -9.51
CA GLU B 21 -8.46 -21.63 -9.39
C GLU B 21 -7.59 -22.79 -8.89
N GLU B 22 -6.27 -22.69 -9.15
CA GLU B 22 -5.31 -23.72 -8.74
C GLU B 22 -4.67 -23.46 -7.38
N ASN B 23 -5.21 -22.51 -6.62
CA ASN B 23 -4.63 -22.08 -5.33
C ASN B 23 -3.21 -21.47 -5.42
N GLU B 24 -2.89 -20.84 -6.56
CA GLU B 24 -1.59 -20.19 -6.74
C GLU B 24 -1.71 -18.68 -6.58
N GLY B 25 -0.71 -18.08 -5.93
CA GLY B 25 -0.63 -16.63 -5.78
C GLY B 25 -0.22 -15.98 -7.11
N PHE B 26 -1.03 -15.04 -7.59
CA PHE B 26 -0.70 -14.35 -8.82
C PHE B 26 -0.54 -12.83 -8.67
N CYS B 27 -1.22 -12.25 -7.68
CA CYS B 27 -1.13 -10.80 -7.42
C CYS B 27 -1.26 -10.50 -5.92
N GLY B 28 -0.91 -9.26 -5.56
CA GLY B 28 -1.03 -8.78 -4.19
C GLY B 28 -2.26 -7.90 -3.98
N GLY B 29 -2.53 -7.58 -2.72
CA GLY B 29 -3.56 -6.64 -2.33
C GLY B 29 -3.21 -6.00 -1.00
N THR B 30 -3.97 -4.98 -0.61
CA THR B 30 -3.84 -4.39 0.72
C THR B 30 -5.17 -4.43 1.46
N ILE B 31 -5.12 -4.81 2.72
CA ILE B 31 -6.32 -4.83 3.55
C ILE B 31 -6.66 -3.41 3.99
N LEU B 32 -7.88 -2.99 3.69
CA LEU B 32 -8.35 -1.65 4.04
C LEU B 32 -9.34 -1.68 5.20
N SER B 33 -10.02 -2.81 5.36
CA SER B 33 -11.03 -2.95 6.40
C SER B 33 -11.50 -4.42 6.43
N GLU B 34 -12.43 -4.73 7.33
CA GLU B 34 -12.98 -6.08 7.42
C GLU B 34 -13.41 -6.60 6.06
N PHE B 35 -13.98 -5.71 5.25
CA PHE B 35 -14.67 -6.12 4.04
C PHE B 35 -13.97 -5.80 2.74
N TYR B 36 -12.86 -5.07 2.80
CA TYR B 36 -12.29 -4.44 1.60
C TYR B 36 -10.79 -4.62 1.35
N ILE B 37 -10.46 -5.07 0.15
CA ILE B 37 -9.09 -5.17 -0.30
C ILE B 37 -8.83 -4.15 -1.41
N LEU B 38 -7.64 -3.56 -1.43
CA LEU B 38 -7.19 -2.68 -2.52
C LEU B 38 -6.23 -3.46 -3.38
N THR B 39 -6.42 -3.40 -4.69
CA THR B 39 -5.47 -4.06 -5.61
C THR B 39 -5.32 -3.27 -6.92
N ALA B 40 -4.59 -3.84 -7.88
CA ALA B 40 -4.45 -3.20 -9.20
C ALA B 40 -5.51 -3.71 -10.19
N ALA B 41 -6.07 -2.79 -10.96
CA ALA B 41 -7.06 -3.15 -11.99
C ALA B 41 -6.53 -4.24 -12.93
N HIS B 42 -5.29 -4.09 -13.38
CA HIS B 42 -4.73 -5.03 -14.34
C HIS B 42 -4.60 -6.44 -13.80
N CYS B 43 -4.65 -6.57 -12.47
CA CYS B 43 -4.60 -7.89 -11.82
C CYS B 43 -5.85 -8.71 -12.09
N LEU B 44 -6.97 -8.03 -12.27
CA LEU B 44 -8.24 -8.68 -12.49
C LEU B 44 -8.22 -9.46 -13.80
N TYR B 45 -7.49 -8.94 -14.78
CA TYR B 45 -7.42 -9.57 -16.09
C TYR B 45 -6.57 -10.85 -16.07
N GLN B 46 -5.88 -11.10 -14.96
CA GLN B 46 -4.93 -12.22 -14.88
C GLN B 46 -5.54 -13.56 -14.47
N ALA B 47 -6.77 -13.55 -13.98
CA ALA B 47 -7.39 -14.80 -13.57
C ALA B 47 -8.91 -14.81 -13.72
N LYS B 48 -9.44 -15.92 -14.22
CA LYS B 48 -10.88 -16.10 -14.44
C LYS B 48 -11.67 -15.87 -13.15
N ARG B 49 -11.53 -16.79 -12.19
CA ARG B 49 -12.10 -16.59 -10.87
C ARG B 49 -10.97 -16.64 -9.85
N PHE B 50 -11.09 -15.83 -8.80
CA PHE B 50 -10.02 -15.76 -7.79
C PHE B 50 -10.54 -15.56 -6.37
N LYS B 51 -9.66 -15.84 -5.41
CA LYS B 51 -9.99 -15.63 -4.00
C LYS B 51 -8.88 -14.85 -3.31
N VAL B 52 -9.12 -14.48 -2.06
CA VAL B 52 -8.19 -13.65 -1.31
C VAL B 52 -7.70 -14.34 -0.05
N ARG B 53 -6.40 -14.56 0.02
CA ARG B 53 -5.77 -15.14 1.20
C ARG B 53 -5.18 -14.04 2.11
N VAL B 54 -5.41 -14.14 3.42
CA VAL B 54 -4.83 -13.22 4.39
C VAL B 54 -4.14 -13.97 5.55
N GLY B 55 -3.21 -13.30 6.23
CA GLY B 55 -2.46 -13.91 7.30
C GLY B 55 -1.43 -14.90 6.81
N ASP B 56 -1.29 -14.98 5.50
CA ASP B 56 -0.36 -15.91 4.85
C ASP B 56 1.07 -15.34 4.79
N ARG B 57 2.06 -16.11 5.20
CA ARG B 57 3.45 -15.68 5.13
C ARG B 57 4.34 -16.70 4.43
N ASN B 58 3.84 -17.91 4.29
CA ASN B 58 4.61 -19.01 3.73
C ASN B 58 3.67 -19.93 2.98
N THR B 59 3.63 -19.78 1.66
CA THR B 59 2.67 -20.50 0.82
C THR B 59 2.65 -22.00 1.02
N GLU B 60 3.74 -22.56 1.55
CA GLU B 60 3.88 -24.00 1.68
C GLU B 60 3.26 -24.56 2.96
N GLN B 61 3.25 -23.74 4.01
CA GLN B 61 2.71 -24.13 5.30
C GLN B 61 1.33 -23.50 5.55
N GLU B 62 0.61 -24.03 6.55
CA GLU B 62 -0.62 -23.39 7.01
C GLU B 62 -0.33 -22.43 8.17
N GLU B 63 -0.45 -21.13 7.88
CA GLU B 63 -0.08 -20.10 8.83
C GLU B 63 -0.80 -20.23 10.18
N GLY B 64 -2.05 -20.69 10.15
CA GLY B 64 -2.84 -20.80 11.36
C GLY B 64 -3.80 -19.63 11.51
N GLY B 65 -3.27 -18.40 11.43
CA GLY B 65 -4.10 -17.21 11.42
C GLY B 65 -4.51 -16.92 9.99
N GLU B 66 -4.16 -17.86 9.11
CA GLU B 66 -4.40 -17.77 7.69
C GLU B 66 -5.86 -18.06 7.34
N ALA B 67 -6.37 -17.42 6.28
CA ALA B 67 -7.78 -17.53 5.95
C ALA B 67 -8.02 -17.16 4.49
N VAL B 68 -8.99 -17.83 3.89
CA VAL B 68 -9.36 -17.54 2.52
C VAL B 68 -10.72 -16.88 2.50
N HIS B 69 -10.83 -15.78 1.78
CA HIS B 69 -12.10 -15.08 1.62
C HIS B 69 -12.48 -15.02 0.14
N GLU B 70 -13.78 -15.04 -0.13
CA GLU B 70 -14.25 -14.97 -1.48
C GLU B 70 -14.67 -13.56 -1.79
N VAL B 71 -14.63 -13.22 -3.06
CA VAL B 71 -15.00 -11.90 -3.52
C VAL B 71 -16.48 -11.85 -3.86
N GLU B 72 -17.17 -10.87 -3.29
CA GLU B 72 -18.55 -10.64 -3.64
C GLU B 72 -18.66 -9.63 -4.78
N VAL B 73 -17.93 -8.53 -4.65
CA VAL B 73 -18.01 -7.46 -5.64
C VAL B 73 -16.62 -7.02 -6.06
N VAL B 74 -16.39 -6.88 -7.37
CA VAL B 74 -15.17 -6.27 -7.88
C VAL B 74 -15.50 -4.90 -8.50
N ILE B 75 -14.85 -3.87 -7.96
CA ILE B 75 -15.10 -2.49 -8.38
C ILE B 75 -13.85 -1.98 -9.09
N LYS B 76 -13.80 -2.19 -10.41
CA LYS B 76 -12.67 -1.73 -11.21
C LYS B 76 -12.90 -0.28 -11.58
N HIS B 77 -11.85 0.52 -11.57
CA HIS B 77 -11.98 1.92 -11.96
C HIS B 77 -12.34 2.01 -13.44
N ASN B 78 -13.38 2.78 -13.74
CA ASN B 78 -13.89 2.87 -15.11
C ASN B 78 -12.92 3.53 -16.12
N ARG B 79 -11.85 4.12 -15.62
CA ARG B 79 -10.90 4.80 -16.52
C ARG B 79 -9.62 3.98 -16.76
N PHE B 80 -9.59 2.74 -16.30
CA PHE B 80 -8.39 1.96 -16.45
C PHE B 80 -8.08 1.67 -17.93
N THR B 81 -6.79 1.73 -18.29
CA THR B 81 -6.35 1.68 -19.69
C THR B 81 -5.26 0.66 -19.90
N LYS B 82 -5.58 -0.39 -20.64
CA LYS B 82 -4.60 -1.46 -20.88
C LYS B 82 -3.30 -0.98 -21.54
N GLU B 83 -3.35 0.15 -22.24
CA GLU B 83 -2.20 0.60 -23.05
C GLU B 83 -1.17 1.39 -22.27
N THR B 84 -1.58 1.86 -21.09
CA THR B 84 -0.75 2.77 -20.30
C THR B 84 -0.75 2.36 -18.84
N TYR B 85 -1.71 1.51 -18.46
CA TYR B 85 -1.95 1.18 -17.07
C TYR B 85 -2.29 2.39 -16.20
N ASP B 86 -2.85 3.43 -16.81
CA ASP B 86 -3.31 4.58 -16.03
C ASP B 86 -4.58 4.16 -15.30
N PHE B 87 -4.81 4.73 -14.12
CA PHE B 87 -5.91 4.31 -13.25
C PHE B 87 -5.84 2.81 -12.90
N ASP B 88 -4.64 2.34 -12.61
CA ASP B 88 -4.45 0.92 -12.28
C ASP B 88 -4.84 0.68 -10.81
N ILE B 89 -6.14 0.49 -10.59
CA ILE B 89 -6.68 0.42 -9.24
C ILE B 89 -8.03 -0.24 -9.23
N ALA B 90 -8.27 -1.07 -8.21
CA ALA B 90 -9.56 -1.71 -7.99
C ALA B 90 -9.77 -1.93 -6.50
N VAL B 91 -11.03 -2.02 -6.09
CA VAL B 91 -11.38 -2.40 -4.73
C VAL B 91 -12.21 -3.68 -4.74
N LEU B 92 -11.88 -4.58 -3.83
CA LEU B 92 -12.60 -5.84 -3.66
C LEU B 92 -13.42 -5.83 -2.37
N ARG B 93 -14.71 -6.13 -2.48
CA ARG B 93 -15.52 -6.39 -1.29
C ARG B 93 -15.69 -7.90 -1.06
N LEU B 94 -15.37 -8.34 0.14
CA LEU B 94 -15.37 -9.77 0.42
C LEU B 94 -16.77 -10.25 0.82
N LYS B 95 -17.02 -11.54 0.66
CA LYS B 95 -18.29 -12.13 1.08
C LYS B 95 -18.42 -12.17 2.60
N THR B 96 -17.31 -12.47 3.26
CA THR B 96 -17.29 -12.56 4.72
C THR B 96 -16.24 -11.62 5.29
N PRO B 97 -16.43 -11.12 6.53
CA PRO B 97 -15.48 -10.16 7.14
C PRO B 97 -14.15 -10.78 7.53
N ILE B 98 -13.04 -10.05 7.35
CA ILE B 98 -11.74 -10.53 7.79
C ILE B 98 -11.63 -10.48 9.31
N THR B 99 -11.02 -11.51 9.90
CA THR B 99 -10.76 -11.55 11.34
C THR B 99 -9.37 -11.04 11.63
N PHE B 100 -9.29 -9.89 12.30
CA PHE B 100 -7.99 -9.30 12.59
C PHE B 100 -7.28 -10.03 13.71
N ARG B 101 -6.00 -10.28 13.53
CA ARG B 101 -5.23 -11.08 14.49
C ARG B 101 -3.75 -10.83 14.24
N MET B 102 -2.92 -11.58 14.94
CA MET B 102 -1.49 -11.59 14.62
C MET B 102 -1.41 -11.78 13.12
N ASN B 103 -0.66 -10.92 12.44
CA ASN B 103 -0.46 -11.04 10.99
C ASN B 103 -1.66 -10.68 10.12
N VAL B 104 -2.79 -10.30 10.73
CA VAL B 104 -3.91 -9.76 9.94
C VAL B 104 -4.47 -8.48 10.53
N ALA B 105 -4.28 -7.38 9.81
CA ALA B 105 -4.74 -6.04 10.22
C ALA B 105 -4.77 -5.09 9.02
N PRO B 106 -5.61 -4.06 9.10
CA PRO B 106 -5.69 -3.12 7.98
C PRO B 106 -4.62 -2.02 8.02
N ALA B 107 -4.25 -1.52 6.84
CA ALA B 107 -3.43 -0.32 6.74
C ALA B 107 -4.34 0.91 6.85
N CYS B 108 -3.77 2.03 7.29
CA CYS B 108 -4.57 3.26 7.38
C CYS B 108 -4.69 3.95 6.04
N LEU B 109 -5.85 4.55 5.78
CA LEU B 109 -6.02 5.46 4.66
C LEU B 109 -5.77 6.89 5.16
N PRO B 110 -4.82 7.59 4.54
CA PRO B 110 -4.52 8.95 4.97
C PRO B 110 -5.53 9.92 4.34
N GLU B 111 -5.54 11.16 4.79
CA GLU B 111 -6.26 12.20 4.07
C GLU B 111 -5.39 12.71 2.93
N ARG B 112 -6.03 13.11 1.84
CA ARG B 112 -5.28 13.47 0.62
C ARG B 112 -4.21 14.55 0.80
N ASP B 113 -4.58 15.71 1.36
CA ASP B 113 -3.63 16.82 1.41
C ASP B 113 -2.45 16.55 2.34
N TRP B 114 -2.77 16.06 3.53
CA TRP B 114 -1.77 15.64 4.48
C TRP B 114 -0.87 14.55 3.89
N ALA B 115 -1.47 13.59 3.19
CA ALA B 115 -0.70 12.54 2.50
C ALA B 115 0.31 13.12 1.51
N GLU B 116 -0.14 14.10 0.72
CA GLU B 116 0.75 14.68 -0.30
C GLU B 116 1.92 15.44 0.30
N SER B 117 1.67 16.25 1.32
CA SER B 117 2.76 17.04 1.92
C SER B 117 3.63 16.29 2.90
N THR B 118 3.05 15.34 3.65
CA THR B 118 3.81 14.70 4.73
C THR B 118 4.30 13.29 4.40
N LEU B 119 3.38 12.41 4.03
CA LEU B 119 3.78 11.06 3.69
C LEU B 119 4.63 11.04 2.43
N MET B 120 4.11 11.59 1.34
CA MET B 120 4.80 11.47 0.06
C MET B 120 6.14 12.21 0.05
N THR B 121 6.44 12.98 1.09
CA THR B 121 7.73 13.67 1.17
C THR B 121 8.76 13.01 2.10
N GLN B 122 8.39 11.89 2.73
CA GLN B 122 9.36 11.09 3.47
C GLN B 122 10.41 10.53 2.50
N LYS B 123 11.55 10.10 3.02
CA LYS B 123 12.58 9.52 2.17
C LYS B 123 12.08 8.26 1.47
N THR B 124 11.43 7.38 2.24
CA THR B 124 11.12 6.05 1.76
C THR B 124 9.72 5.54 2.12
N GLY B 125 9.29 4.49 1.40
CA GLY B 125 8.13 3.71 1.76
C GLY B 125 8.54 2.25 1.72
N ILE B 126 7.63 1.36 2.09
CA ILE B 126 7.94 -0.06 2.04
C ILE B 126 6.99 -0.72 1.08
N VAL B 127 7.52 -1.62 0.26
CA VAL B 127 6.69 -2.42 -0.63
C VAL B 127 6.87 -3.88 -0.22
N SER B 128 5.92 -4.74 -0.58
CA SER B 128 6.00 -6.12 -0.17
C SER B 128 5.19 -7.04 -1.07
N GLY B 129 5.46 -8.35 -0.98
CA GLY B 129 4.70 -9.32 -1.72
C GLY B 129 5.39 -10.65 -1.89
N PHE B 130 4.69 -11.55 -2.59
CA PHE B 130 5.15 -12.91 -2.86
C PHE B 130 5.63 -13.06 -4.30
N GLY B 131 5.99 -11.96 -4.95
CA GLY B 131 6.44 -12.04 -6.33
C GLY B 131 7.88 -12.50 -6.51
N ARG B 132 8.26 -12.72 -7.76
CA ARG B 132 9.60 -13.21 -8.08
C ARG B 132 10.73 -12.53 -7.33
N THR B 133 11.77 -13.30 -7.05
CA THR B 133 12.97 -12.79 -6.39
C THR B 133 14.04 -12.41 -7.41
N HIS B 134 13.81 -12.81 -8.65
CA HIS B 134 14.64 -12.40 -9.79
C HIS B 134 13.73 -12.19 -10.98
N GLU B 135 14.18 -11.41 -11.95
CA GLU B 135 13.34 -11.09 -13.10
C GLU B 135 12.79 -12.35 -13.76
N LYS B 136 13.68 -13.30 -14.05
CA LYS B 136 13.26 -14.60 -14.57
C LYS B 136 13.41 -15.68 -13.50
N GLY B 137 12.52 -15.66 -12.51
CA GLY B 137 12.49 -16.69 -11.48
C GLY B 137 11.07 -17.12 -11.20
N ARG B 138 10.85 -17.91 -10.16
CA ARG B 138 9.51 -18.35 -9.80
C ARG B 138 8.91 -17.46 -8.71
N GLN B 139 7.59 -17.53 -8.52
CA GLN B 139 6.91 -16.80 -7.43
C GLN B 139 7.59 -17.15 -6.11
N SER B 140 7.61 -16.22 -5.16
CA SER B 140 8.19 -16.47 -3.84
C SER B 140 7.19 -17.29 -3.02
N THR B 141 7.68 -18.13 -2.11
CA THR B 141 6.82 -18.83 -1.16
C THR B 141 6.83 -18.13 0.20
N ARG B 142 7.71 -17.14 0.31
CA ARG B 142 7.80 -16.30 1.50
C ARG B 142 7.45 -14.84 1.19
N LEU B 143 6.65 -14.24 2.06
CA LEU B 143 6.34 -12.83 1.93
C LEU B 143 7.60 -11.99 2.16
N LYS B 144 7.87 -11.05 1.25
CA LYS B 144 9.04 -10.18 1.39
C LYS B 144 8.67 -8.71 1.50
N MET B 145 9.56 -7.93 2.11
CA MET B 145 9.38 -6.49 2.17
C MET B 145 10.66 -5.79 1.74
N LEU B 146 10.50 -4.58 1.23
CA LEU B 146 11.62 -3.83 0.68
C LEU B 146 11.40 -2.34 0.86
N GLU B 147 12.34 -1.69 1.52
CA GLU B 147 12.30 -0.25 1.65
C GLU B 147 12.71 0.35 0.31
N VAL B 148 11.86 1.21 -0.26
CA VAL B 148 12.13 1.85 -1.55
C VAL B 148 12.05 3.36 -1.43
N PRO B 149 13.13 4.04 -1.85
CA PRO B 149 13.19 5.50 -1.82
C PRO B 149 12.17 6.13 -2.75
N TYR B 150 11.60 7.25 -2.33
CA TYR B 150 10.79 8.05 -3.23
C TYR B 150 11.71 8.61 -4.30
N VAL B 151 11.22 8.65 -5.53
CA VAL B 151 11.94 9.22 -6.65
C VAL B 151 11.23 10.51 -7.10
N ASP B 152 12.00 11.55 -7.42
CA ASP B 152 11.39 12.78 -7.92
C ASP B 152 10.81 12.54 -9.31
N ARG B 153 9.74 13.24 -9.64
CA ARG B 153 9.01 12.96 -10.86
C ARG B 153 9.85 13.20 -12.11
N ASN B 154 10.71 14.22 -12.07
CA ASN B 154 11.61 14.49 -13.18
C ASN B 154 12.48 13.28 -13.50
N SER B 155 13.30 12.87 -12.53
CA SER B 155 14.14 11.69 -12.71
C SER B 155 13.31 10.52 -13.19
N CYS B 156 12.14 10.37 -12.58
CA CYS B 156 11.22 9.33 -12.95
C CYS B 156 10.88 9.35 -14.45
N LYS B 157 10.37 10.47 -14.94
CA LYS B 157 9.93 10.55 -16.33
C LYS B 157 11.09 10.38 -17.31
N LEU B 158 12.21 11.00 -16.99
CA LEU B 158 13.40 10.91 -17.83
C LEU B 158 13.90 9.48 -18.00
N SER B 159 13.65 8.65 -17.00
CA SER B 159 14.19 7.31 -16.99
C SER B 159 13.24 6.37 -17.70
N SER B 160 12.07 6.88 -18.06
CA SER B 160 10.98 6.01 -18.48
C SER B 160 10.71 6.07 -19.98
N SER B 161 10.70 4.89 -20.58
CA SER B 161 10.38 4.73 -21.99
C SER B 161 8.91 5.07 -22.22
N PHE B 162 8.11 4.99 -21.17
CA PHE B 162 6.68 5.19 -21.30
C PHE B 162 6.18 6.43 -20.56
N ILE B 163 4.91 6.78 -20.78
CA ILE B 163 4.32 7.91 -20.07
C ILE B 163 4.01 7.58 -18.60
N ILE B 164 4.65 8.32 -17.71
CA ILE B 164 4.30 8.35 -16.30
C ILE B 164 3.23 9.41 -16.07
N THR B 165 1.99 8.98 -15.83
CA THR B 165 0.89 9.94 -15.63
C THR B 165 0.82 10.45 -14.19
N GLN B 166 -0.17 11.30 -13.92
CA GLN B 166 -0.27 11.94 -12.61
C GLN B 166 -0.78 10.98 -11.56
N ASN B 167 -1.32 9.85 -12.02
CA ASN B 167 -1.85 8.79 -11.18
C ASN B 167 -0.79 7.76 -10.80
N MET B 168 0.46 8.05 -11.11
CA MET B 168 1.56 7.13 -10.83
C MET B 168 2.69 7.88 -10.14
N PHE B 169 3.56 7.13 -9.47
CA PHE B 169 4.81 7.70 -8.98
C PHE B 169 5.89 6.62 -9.02
N CYS B 170 7.15 7.05 -8.91
CA CYS B 170 8.30 6.16 -8.96
C CYS B 170 8.91 5.97 -7.59
N ALA B 171 9.44 4.77 -7.37
CA ALA B 171 10.15 4.48 -6.15
C ALA B 171 11.15 3.36 -6.44
N GLY B 172 12.26 3.35 -5.71
CA GLY B 172 13.26 2.33 -5.94
C GLY B 172 14.66 2.89 -6.09
N TYR B 173 15.49 2.15 -6.82
CA TYR B 173 16.91 2.44 -6.89
C TYR B 173 17.33 2.58 -8.34
N ASP B 174 18.19 3.54 -8.61
CA ASP B 174 18.74 3.70 -9.95
C ASP B 174 19.57 2.46 -10.31
N THR B 175 20.51 2.12 -9.45
CA THR B 175 21.39 1.00 -9.75
C THR B 175 21.23 -0.19 -8.80
N LYS B 176 21.19 0.07 -7.49
CA LYS B 176 21.03 -1.00 -6.50
C LYS B 176 19.96 -1.99 -6.96
N GLN B 177 20.29 -3.27 -6.92
CA GLN B 177 19.47 -4.32 -7.50
C GLN B 177 18.36 -4.83 -6.56
N GLU B 178 17.45 -3.93 -6.19
CA GLU B 178 16.30 -4.26 -5.35
C GLU B 178 15.08 -3.57 -5.94
N ASP B 179 13.96 -4.26 -5.98
CA ASP B 179 12.79 -3.72 -6.63
C ASP B 179 11.62 -4.66 -6.38
N ALA B 180 10.41 -4.22 -6.73
CA ALA B 180 9.29 -5.14 -6.81
C ALA B 180 9.48 -5.93 -8.09
N CYS B 181 8.60 -6.90 -8.35
CA CYS B 181 8.72 -7.71 -9.55
C CYS B 181 7.40 -8.38 -9.89
N GLN B 182 7.39 -9.15 -10.98
CA GLN B 182 6.18 -9.85 -11.40
C GLN B 182 5.57 -10.62 -10.25
N GLY B 183 4.27 -10.43 -10.04
CA GLY B 183 3.58 -11.09 -8.95
C GLY B 183 3.39 -10.20 -7.72
N ASP B 184 4.18 -9.14 -7.62
CA ASP B 184 3.99 -8.15 -6.57
C ASP B 184 2.85 -7.17 -6.90
N SER B 185 2.38 -7.22 -8.15
CA SER B 185 1.35 -6.32 -8.61
C SER B 185 0.13 -6.31 -7.70
N GLY B 186 -0.42 -5.12 -7.46
CA GLY B 186 -1.64 -4.97 -6.68
C GLY B 186 -1.34 -4.83 -5.20
N GLY B 187 -0.10 -5.13 -4.82
CA GLY B 187 0.30 -5.14 -3.42
C GLY B 187 0.59 -3.76 -2.81
N PRO B 188 0.88 -3.75 -1.50
CA PRO B 188 1.05 -2.51 -0.72
C PRO B 188 2.35 -1.75 -0.99
N HIS B 189 2.17 -0.45 -1.17
CA HIS B 189 3.22 0.49 -0.90
C HIS B 189 2.68 1.31 0.26
N VAL B 190 3.34 1.21 1.40
CA VAL B 190 2.94 1.95 2.60
C VAL B 190 4.10 2.81 3.08
N THR B 191 3.75 3.88 3.79
CA THR B 191 4.72 4.82 4.33
C THR B 191 4.53 4.92 5.84
N ARG B 192 5.63 4.80 6.56
CA ARG B 192 5.59 4.84 8.02
C ARG B 192 5.55 6.30 8.43
N PHE B 193 4.66 6.63 9.36
CA PHE B 193 4.73 7.93 10.00
C PHE B 193 4.42 7.82 11.49
N LYS B 194 5.38 8.24 12.32
CA LYS B 194 5.28 8.09 13.78
C LYS B 194 4.72 6.74 14.22
N ASP B 195 5.35 5.66 13.76
CA ASP B 195 4.94 4.29 14.13
C ASP B 195 3.61 3.80 13.53
N THR B 196 3.00 4.58 12.65
CA THR B 196 1.77 4.17 11.97
C THR B 196 2.01 4.06 10.47
N TYR B 197 1.46 3.02 9.85
CA TYR B 197 1.70 2.74 8.43
C TYR B 197 0.48 3.07 7.57
N PHE B 198 0.64 3.96 6.59
CA PHE B 198 -0.46 4.41 5.74
C PHE B 198 -0.33 3.90 4.31
N VAL B 199 -1.45 3.51 3.70
CA VAL B 199 -1.45 3.13 2.29
C VAL B 199 -1.06 4.34 1.40
N THR B 200 0.00 4.19 0.61
CA THR B 200 0.38 5.27 -0.30
C THR B 200 0.40 4.85 -1.77
N GLY B 201 0.53 3.56 -2.04
CA GLY B 201 0.61 3.15 -3.44
C GLY B 201 0.20 1.73 -3.66
N ILE B 202 -0.09 1.40 -4.92
CA ILE B 202 -0.37 0.04 -5.35
C ILE B 202 0.69 -0.36 -6.38
N VAL B 203 1.35 -1.50 -6.15
CA VAL B 203 2.31 -2.03 -7.14
C VAL B 203 1.69 -2.09 -8.53
N SER B 204 2.28 -1.38 -9.48
CA SER B 204 1.72 -1.30 -10.84
C SER B 204 2.54 -1.97 -11.95
N TRP B 205 3.72 -1.46 -12.22
CA TRP B 205 4.54 -1.97 -13.31
C TRP B 205 5.95 -1.43 -13.27
N GLY B 206 6.83 -1.99 -14.09
CA GLY B 206 8.19 -1.53 -14.21
C GLY B 206 8.74 -2.06 -15.52
N GLU B 207 9.75 -1.40 -16.06
CA GLU B 207 10.42 -1.91 -17.25
C GLU B 207 11.48 -2.92 -16.79
N GLY B 208 11.09 -4.18 -16.70
CA GLY B 208 11.92 -5.20 -16.11
C GLY B 208 11.78 -5.25 -14.60
N CYS B 209 12.78 -5.83 -13.94
CA CYS B 209 12.85 -5.88 -12.48
C CYS B 209 14.23 -5.41 -12.03
N ALA B 210 14.27 -4.29 -11.32
CA ALA B 210 15.49 -3.78 -10.71
C ALA B 210 16.58 -3.40 -11.72
N ARG B 211 16.21 -3.26 -12.99
CA ARG B 211 17.14 -2.91 -14.04
C ARG B 211 17.82 -1.59 -13.76
N LYS B 212 19.05 -1.43 -14.25
CA LYS B 212 19.81 -0.20 -14.03
C LYS B 212 19.18 1.01 -14.74
N GLY B 213 19.01 2.10 -14.00
CA GLY B 213 18.39 3.31 -14.51
C GLY B 213 16.89 3.25 -14.63
N LYS B 214 16.29 2.17 -14.12
CA LYS B 214 14.84 2.04 -14.14
C LYS B 214 14.26 1.99 -12.72
N TYR B 215 12.95 2.17 -12.62
CA TYR B 215 12.28 2.28 -11.34
C TYR B 215 10.98 1.48 -11.30
N GLY B 216 10.49 1.19 -10.10
CA GLY B 216 9.14 0.65 -9.97
C GLY B 216 8.09 1.74 -10.09
N ILE B 217 7.00 1.46 -10.80
CA ILE B 217 5.91 2.42 -10.97
C ILE B 217 4.67 2.00 -10.15
N TYR B 218 4.15 2.94 -9.37
CA TYR B 218 3.05 2.68 -8.44
C TYR B 218 1.84 3.57 -8.73
N THR B 219 0.64 3.04 -8.48
CA THR B 219 -0.54 3.89 -8.53
C THR B 219 -0.51 4.78 -7.30
N LYS B 220 -0.62 6.09 -7.55
CA LYS B 220 -0.70 7.08 -6.51
C LYS B 220 -2.05 6.97 -5.82
N VAL B 221 -2.06 6.46 -4.61
CA VAL B 221 -3.31 6.25 -3.88
C VAL B 221 -3.99 7.56 -3.48
N THR B 222 -3.20 8.59 -3.20
CA THR B 222 -3.75 9.89 -2.85
C THR B 222 -4.73 10.41 -3.91
N ALA B 223 -4.54 10.01 -5.16
CA ALA B 223 -5.37 10.49 -6.25
C ALA B 223 -6.75 9.85 -6.25
N PHE B 224 -6.92 8.77 -5.48
CA PHE B 224 -8.17 8.02 -5.52
C PHE B 224 -8.81 7.88 -4.14
N LEU B 225 -8.28 8.62 -3.17
CA LEU B 225 -8.82 8.55 -1.82
C LEU B 225 -10.34 8.71 -1.76
N LYS B 226 -10.86 9.68 -2.50
CA LYS B 226 -12.30 9.94 -2.49
C LYS B 226 -13.04 8.77 -3.10
N TRP B 227 -12.59 8.35 -4.28
CA TRP B 227 -13.15 7.19 -4.97
C TRP B 227 -13.14 5.96 -4.05
N ILE B 228 -11.99 5.69 -3.43
CA ILE B 228 -11.85 4.53 -2.56
C ILE B 228 -12.90 4.57 -1.46
N ASP B 229 -13.13 5.76 -0.92
CA ASP B 229 -14.14 5.92 0.10
C ASP B 229 -15.56 5.70 -0.46
N ARG B 230 -15.84 6.26 -1.64
CA ARG B 230 -17.08 5.96 -2.32
C ARG B 230 -17.24 4.43 -2.39
N SER B 231 -16.25 3.77 -2.98
CA SER B 231 -16.26 2.32 -3.09
C SER B 231 -16.74 1.55 -1.85
N MET B 232 -16.40 2.05 -0.66
CA MET B 232 -16.71 1.30 0.55
C MET B 232 -18.10 1.64 1.11
N LYS B 233 -18.85 2.43 0.35
CA LYS B 233 -20.20 2.81 0.76
C LYS B 233 -21.24 2.09 -0.10
C1 FI1 C . 5.14 -5.13 -12.15
C2 FI1 C . 8.56 -3.83 -11.39
C3 FI1 C . 5.42 -6.07 -13.11
C4 FI1 C . 8.30 -2.90 -10.43
C5 FI1 C . 7.78 -5.55 -12.99
C6 FI1 C . 5.93 -3.41 -10.54
C7 FI1 C . 7.51 -4.58 -11.98
C8 FI1 C . 6.18 -4.38 -11.54
C9 FI1 C . 6.76 -6.30 -13.56
C10 FI1 C . 6.97 -2.68 -9.99
C11 FI1 C . 1.51 -4.28 -21.37
C12 FI1 C . 2.65 -4.32 -22.09
C13 FI1 C . 1.16 -3.08 -20.68
C14 FI1 C . 1.97 -1.97 -20.76
C15 FI1 C . 3.54 -3.15 -22.18
C16 FI1 C . 5.42 -4.75 -16.82
C17 FI1 C . 4.42 -2.15 -18.50
C18 FI1 C . 6.12 -6.19 -19.18
C19 FI1 C . 7.23 -5.89 -18.20
C20 FI1 C . 2.17 0.53 -20.63
C21 FI1 C . 5.09 -5.07 -19.26
C22 FI1 C . 2.24 -0.96 -18.61
C23 FI1 C . 4.03 -0.81 -21.56
C24 FI1 C . 4.26 0.20 -19.26
C25 FI1 C . 1.60 -0.74 -19.99
C26 FI1 C . 6.63 -5.71 -16.78
C27 FI1 C . 3.69 0.39 -20.68
C28 FI1 C . 3.75 -3.44 -18.01
N29 FI1 C . 3.16 -1.98 -21.47
N30 FI1 C . 4.77 -4.46 -18.00
N31 FI1 C . 3.68 -1.00 -18.75
N32 FI1 C . 6.32 -6.94 -16.10
O33 FI1 C . 4.61 -3.14 -22.83
O34 FI1 C . 5.00 -4.22 -15.79
O35 FI1 C . 5.65 -2.13 -18.66
O36 FI1 C . 8.52 -7.40 -14.97
O37 FI1 C . 6.58 -8.68 -14.42
S38 FI1 C . 7.12 -7.44 -14.78
CL39 FI1 C . 6.71 -1.49 -8.79
NA NA D . 16.58 0.43 -10.53
CA CA E . 1.16 -20.06 4.98
C1 GOL F . -9.11 9.61 3.11
O1 GOL F . -9.65 8.78 2.11
C2 GOL F . -9.01 8.78 4.38
O2 GOL F . -9.84 7.65 4.22
C3 GOL F . -9.46 9.54 5.63
O3 GOL F . -9.06 8.81 6.77
#